data_7R8Z
#
_entry.id   7R8Z
#
_cell.length_a   78.451
_cell.length_b   78.451
_cell.length_c   142.973
_cell.angle_alpha   90.000
_cell.angle_beta   90.000
_cell.angle_gamma   90.000
#
_symmetry.space_group_name_H-M   'P 43 2 2'
#
loop_
_entity.id
_entity.type
_entity.pdbx_description
1 polymer 'Phosphomethylpyrimidine Kinase'
2 non-polymer 'D(-)-TARTARIC ACID'
3 non-polymer BETA-MERCAPTOETHANOL
4 water water
#
_entity_poly.entity_id   1
_entity_poly.type   'polypeptide(L)'
_entity_poly.pdbx_seq_one_letter_code
;MGSSHHHHHHSSGENLYFQGHMKRINALTIAGTDPSGGAGIQADLKTFSALGAYG(CSO)SVITALVAQNTRGVQSVYQI
DPDFVAAQLDSVFSDVRIDSTKIGMLANAAIVEAVAERLRRYRVANVVLDTVMLAKSGDPLLAPDAVEALRQRLLPQVSL
ITPNLPEAAALLDAPPARTEREMREQGRALLAMG(CSO)GAVLMKGGHLDDAESPDWLFTREGEQRFTAPRVATKNTHGT
GCTLSAALAALRPRHADWAATVAEAKDYLSGALAQADTLEVGHGIGPVHHFHAWW
;
_entity_poly.pdbx_strand_id   A
#
# COMPACT_ATOMS: atom_id res chain seq x y z
N MET A 22 -7.44 -5.13 24.32
CA MET A 22 -7.19 -5.25 22.89
C MET A 22 -6.21 -6.39 22.59
N LYS A 23 -6.53 -7.18 21.57
CA LYS A 23 -5.68 -8.29 21.18
C LYS A 23 -4.38 -7.80 20.55
N ARG A 24 -3.40 -8.69 20.50
CA ARG A 24 -2.12 -8.38 19.89
C ARG A 24 -2.24 -8.41 18.36
N ILE A 25 -1.81 -7.33 17.72
CA ILE A 25 -1.81 -7.21 16.27
C ILE A 25 -0.39 -6.97 15.81
N ASN A 26 0.10 -7.83 14.91
CA ASN A 26 1.45 -7.71 14.36
C ASN A 26 1.32 -7.20 12.92
N ALA A 27 1.83 -6.00 12.69
CA ALA A 27 1.80 -5.37 11.37
C ALA A 27 3.20 -5.40 10.76
N LEU A 28 3.26 -5.73 9.48
CA LEU A 28 4.51 -5.82 8.74
C LEU A 28 4.50 -4.79 7.63
N THR A 29 5.55 -3.97 7.55
CA THR A 29 5.73 -3.04 6.45
C THR A 29 6.85 -3.55 5.54
N ILE A 30 6.58 -3.58 4.24
CA ILE A 30 7.51 -4.02 3.22
C ILE A 30 7.62 -2.85 2.26
N ALA A 31 8.69 -2.07 2.38
CA ALA A 31 8.79 -0.82 1.64
C ALA A 31 10.25 -0.37 1.65
N GLY A 32 10.49 0.83 1.12
CA GLY A 32 11.82 1.36 1.11
C GLY A 32 12.23 1.92 2.46
N THR A 33 13.53 2.03 2.65
CA THR A 33 14.08 2.69 3.83
C THR A 33 14.21 4.18 3.55
N ASP A 34 13.91 4.98 4.56
CA ASP A 34 14.05 6.43 4.47
C ASP A 34 15.09 6.89 5.46
N PRO A 35 16.29 7.26 5.01
CA PRO A 35 17.33 7.68 5.95
C PRO A 35 16.94 8.87 6.83
N SER A 36 16.01 9.72 6.36
CA SER A 36 15.55 10.85 7.15
C SER A 36 14.42 10.49 8.11
N GLY A 37 13.71 9.39 7.86
CA GLY A 37 12.64 8.97 8.73
C GLY A 37 11.29 9.58 8.44
N GLY A 38 11.18 10.47 7.46
CA GLY A 38 9.90 11.10 7.16
C GLY A 38 8.90 10.12 6.56
N ALA A 39 9.38 9.17 5.76
CA ALA A 39 8.51 8.17 5.14
C ALA A 39 9.11 6.77 5.31
N GLY A 40 8.83 5.89 4.36
CA GLY A 40 9.41 4.56 4.37
C GLY A 40 9.02 3.70 5.57
N ILE A 41 9.81 2.65 5.79
CA ILE A 41 9.51 1.71 6.85
C ILE A 41 9.62 2.37 8.21
N GLN A 42 10.44 3.42 8.33
CA GLN A 42 10.58 4.11 9.61
C GLN A 42 9.26 4.77 10.02
N ALA A 43 8.70 5.59 9.13
CA ALA A 43 7.40 6.20 9.42
C ALA A 43 6.31 5.16 9.54
N ASP A 44 6.39 4.07 8.76
CA ASP A 44 5.41 3.01 8.90
C ASP A 44 5.45 2.38 10.29
N LEU A 45 6.64 2.12 10.81
CA LEU A 45 6.77 1.52 12.14
C LEU A 45 6.29 2.48 13.21
N LYS A 46 6.61 3.77 13.07
CA LYS A 46 6.11 4.74 14.05
C LYS A 46 4.58 4.80 14.03
N THR A 47 3.97 4.74 12.83
CA THR A 47 2.53 4.72 12.74
C THR A 47 1.94 3.45 13.34
N PHE A 48 2.57 2.31 13.07
CA PHE A 48 2.16 1.04 13.67
C PHE A 48 2.13 1.14 15.19
N SER A 49 3.22 1.65 15.77
CA SER A 49 3.30 1.73 17.23
C SER A 49 2.29 2.72 17.79
N ALA A 50 2.10 3.85 17.10
CA ALA A 50 1.14 4.85 17.58
C ALA A 50 -0.28 4.32 17.59
N LEU A 51 -0.62 3.43 16.68
CA LEU A 51 -1.96 2.87 16.58
C LEU A 51 -2.08 1.51 17.27
N GLY A 52 -1.20 1.22 18.22
CA GLY A 52 -1.33 0.02 19.04
C GLY A 52 -1.08 -1.28 18.33
N ALA A 53 -0.12 -1.33 17.41
CA ALA A 53 0.25 -2.56 16.73
C ALA A 53 1.75 -2.78 16.85
N TYR A 54 2.14 -4.05 16.89
CA TYR A 54 3.54 -4.43 16.92
C TYR A 54 4.08 -4.50 15.50
N GLY A 55 5.19 -3.82 15.26
CA GLY A 55 5.69 -3.64 13.90
C GLY A 55 6.91 -4.43 13.51
N SER A 57 9.45 -5.02 9.86
CA SER A 57 9.78 -4.34 8.62
C SER A 57 10.69 -5.17 7.73
N VAL A 58 10.48 -5.04 6.42
CA VAL A 58 11.35 -5.64 5.41
C VAL A 58 11.70 -4.52 4.43
N ILE A 59 12.99 -4.20 4.34
CA ILE A 59 13.45 -3.12 3.47
C ILE A 59 13.63 -3.65 2.06
N THR A 60 13.00 -2.98 1.09
CA THR A 60 12.99 -3.46 -0.28
C THR A 60 13.44 -2.41 -1.29
N ALA A 61 13.82 -1.22 -0.86
CA ALA A 61 14.20 -0.14 -1.77
C ALA A 61 14.74 1.02 -0.94
N LEU A 62 15.05 2.12 -1.61
CA LEU A 62 15.42 3.37 -0.97
C LEU A 62 14.43 4.45 -1.40
N VAL A 63 13.75 5.05 -0.42
CA VAL A 63 12.81 6.12 -0.69
C VAL A 63 13.56 7.33 -1.23
N ALA A 64 13.02 7.92 -2.30
CA ALA A 64 13.63 9.11 -2.88
C ALA A 64 13.41 10.33 -1.98
N GLN A 65 14.37 11.25 -2.04
CA GLN A 65 14.30 12.49 -1.25
C GLN A 65 13.55 13.58 -1.99
N GLY A 69 16.87 17.13 -7.08
CA GLY A 69 17.81 16.20 -7.69
C GLY A 69 17.25 14.79 -7.80
N VAL A 70 17.94 13.94 -8.58
CA VAL A 70 17.55 12.57 -8.74
C VAL A 70 18.40 11.69 -7.84
N GLN A 71 18.05 10.42 -7.76
CA GLN A 71 18.74 9.46 -6.90
C GLN A 71 19.93 8.86 -7.63
N SER A 72 20.92 8.43 -6.86
CA SER A 72 22.04 7.70 -7.44
C SER A 72 21.65 6.24 -7.66
N VAL A 73 22.49 5.55 -8.44
CA VAL A 73 22.19 4.17 -8.81
C VAL A 73 22.57 3.23 -7.68
N TYR A 74 21.72 2.25 -7.43
CA TYR A 74 21.95 1.22 -6.41
C TYR A 74 21.10 0.02 -6.78
N GLN A 75 21.37 -1.10 -6.11
CA GLN A 75 20.51 -2.27 -6.28
C GLN A 75 20.28 -2.94 -4.94
N ILE A 76 19.19 -3.70 -4.87
CA ILE A 76 18.81 -4.45 -3.69
C ILE A 76 18.85 -5.93 -4.04
N ASP A 77 19.62 -6.69 -3.29
CA ASP A 77 19.70 -8.13 -3.51
C ASP A 77 18.38 -8.77 -3.16
N PRO A 78 17.72 -9.49 -4.08
CA PRO A 78 16.51 -10.23 -3.69
C PRO A 78 16.76 -11.24 -2.58
N ASP A 79 17.98 -11.80 -2.48
CA ASP A 79 18.29 -12.71 -1.38
C ASP A 79 18.31 -11.99 -0.04
N PHE A 80 18.61 -10.69 -0.05
CA PHE A 80 18.53 -9.89 1.17
C PHE A 80 17.08 -9.75 1.64
N VAL A 81 16.17 -9.45 0.70
CA VAL A 81 14.75 -9.39 1.04
C VAL A 81 14.25 -10.75 1.49
N ALA A 82 14.75 -11.83 0.86
CA ALA A 82 14.31 -13.17 1.23
C ALA A 82 14.75 -13.54 2.63
N ALA A 83 15.99 -13.16 3.00
CA ALA A 83 16.45 -13.41 4.35
C ALA A 83 15.63 -12.62 5.37
N GLN A 84 15.30 -11.37 5.05
CA GLN A 84 14.41 -10.61 5.93
C GLN A 84 13.05 -11.28 6.09
N LEU A 85 12.50 -11.79 4.97
CA LEU A 85 11.22 -12.48 5.03
C LEU A 85 11.30 -13.74 5.87
N ASP A 86 12.38 -14.50 5.73
CA ASP A 86 12.60 -15.66 6.60
C ASP A 86 12.53 -15.26 8.06
N SER A 87 13.25 -14.20 8.42
CA SER A 87 13.28 -13.75 9.81
C SER A 87 11.88 -13.40 10.30
N VAL A 88 11.13 -12.60 9.54
CA VAL A 88 9.82 -12.16 10.03
C VAL A 88 8.86 -13.33 10.13
N PHE A 89 8.73 -14.12 9.07
CA PHE A 89 7.68 -15.13 9.03
C PHE A 89 8.03 -16.40 9.79
N SER A 90 9.27 -16.55 10.29
CA SER A 90 9.54 -17.67 11.17
C SER A 90 9.23 -17.36 12.63
N ASP A 91 9.01 -16.09 12.99
CA ASP A 91 9.00 -15.67 14.38
C ASP A 91 7.61 -15.30 14.89
N VAL A 92 6.84 -14.50 14.14
CA VAL A 92 5.57 -13.98 14.62
C VAL A 92 4.49 -14.22 13.59
N ARG A 93 3.24 -14.24 14.08
CA ARG A 93 2.07 -14.31 13.21
C ARG A 93 1.76 -12.92 12.68
N ILE A 94 1.77 -12.76 11.36
CA ILE A 94 1.55 -11.47 10.73
C ILE A 94 0.06 -11.31 10.45
N ASP A 95 -0.55 -10.29 11.07
CA ASP A 95 -1.97 -10.04 10.89
C ASP A 95 -2.27 -9.11 9.72
N SER A 96 -1.38 -8.16 9.44
CA SER A 96 -1.59 -7.25 8.32
C SER A 96 -0.23 -6.79 7.79
N THR A 97 -0.25 -6.28 6.56
CA THR A 97 0.98 -5.93 5.87
C THR A 97 0.73 -4.74 4.95
N LYS A 98 1.56 -3.72 5.09
CA LYS A 98 1.64 -2.63 4.11
C LYS A 98 2.77 -2.95 3.14
N ILE A 99 2.56 -2.63 1.87
CA ILE A 99 3.57 -2.80 0.84
C ILE A 99 3.80 -1.44 0.16
N GLY A 100 5.06 -1.06 0.04
CA GLY A 100 5.42 0.16 -0.65
C GLY A 100 6.29 -0.08 -1.87
N MET A 101 7.37 0.68 -2.00
CA MET A 101 8.24 0.56 -3.16
C MET A 101 9.00 -0.75 -3.13
N LEU A 102 9.05 -1.42 -4.27
CA LEU A 102 9.82 -2.65 -4.46
C LEU A 102 10.80 -2.41 -5.60
N ALA A 103 12.08 -2.67 -5.36
CA ALA A 103 13.14 -2.15 -6.22
C ALA A 103 13.27 -2.91 -7.54
N ASN A 104 12.92 -4.20 -7.58
CA ASN A 104 13.05 -4.96 -8.81
C ASN A 104 12.03 -6.09 -8.83
N ALA A 105 12.00 -6.82 -9.95
CA ALA A 105 10.96 -7.81 -10.19
C ALA A 105 11.14 -9.04 -9.31
N ALA A 106 12.39 -9.46 -9.09
CA ALA A 106 12.63 -10.62 -8.23
C ALA A 106 12.11 -10.37 -6.81
N ILE A 107 12.29 -9.15 -6.31
CA ILE A 107 11.75 -8.80 -4.99
C ILE A 107 10.24 -8.87 -4.99
N VAL A 108 9.60 -8.41 -6.07
CA VAL A 108 8.15 -8.51 -6.19
C VAL A 108 7.71 -9.97 -6.13
N GLU A 109 8.41 -10.84 -6.86
CA GLU A 109 8.07 -12.26 -6.88
C GLU A 109 8.19 -12.86 -5.48
N ALA A 110 9.31 -12.56 -4.79
CA ALA A 110 9.52 -13.14 -3.47
C ALA A 110 8.45 -12.67 -2.48
N VAL A 111 8.13 -11.37 -2.51
CA VAL A 111 7.10 -10.85 -1.61
C VAL A 111 5.75 -11.51 -1.91
N ALA A 112 5.38 -11.59 -3.19
CA ALA A 112 4.10 -12.19 -3.54
C ALA A 112 4.03 -13.66 -3.13
N GLU A 113 5.12 -14.40 -3.34
CA GLU A 113 5.11 -15.82 -2.99
C GLU A 113 5.03 -16.03 -1.49
N ARG A 114 5.74 -15.22 -0.70
CA ARG A 114 5.65 -15.39 0.76
C ARG A 114 4.26 -15.03 1.27
N LEU A 115 3.69 -13.93 0.76
CA LEU A 115 2.33 -13.56 1.18
C LEU A 115 1.32 -14.62 0.77
N ARG A 116 1.51 -15.24 -0.39
CA ARG A 116 0.61 -16.32 -0.80
C ARG A 116 0.73 -17.51 0.13
N ARG A 117 1.96 -17.96 0.40
CA ARG A 117 2.15 -19.16 1.22
C ARG A 117 1.66 -18.95 2.65
N TYR A 118 1.78 -17.73 3.18
CA TYR A 118 1.35 -17.48 4.54
C TYR A 118 -0.04 -16.87 4.66
N ARG A 119 -0.67 -16.53 3.54
CA ARG A 119 -2.04 -16.01 3.50
C ARG A 119 -2.26 -14.92 4.54
N VAL A 120 -1.50 -13.84 4.39
CA VAL A 120 -1.63 -12.69 5.28
C VAL A 120 -3.00 -12.04 5.06
N ALA A 121 -3.68 -11.72 6.15
CA ALA A 121 -5.09 -11.37 6.08
C ALA A 121 -5.32 -10.07 5.33
N ASN A 122 -4.67 -8.98 5.75
CA ASN A 122 -4.98 -7.64 5.25
C ASN A 122 -3.72 -7.05 4.64
N VAL A 123 -3.64 -7.06 3.31
CA VAL A 123 -2.48 -6.53 2.60
C VAL A 123 -2.91 -5.23 1.92
N VAL A 124 -2.34 -4.12 2.36
CA VAL A 124 -2.57 -2.80 1.80
C VAL A 124 -1.37 -2.44 0.94
N LEU A 125 -1.60 -2.24 -0.35
CA LEU A 125 -0.52 -1.90 -1.28
C LEU A 125 -0.58 -0.42 -1.61
N ASP A 126 0.48 0.30 -1.24
CA ASP A 126 0.70 1.66 -1.73
C ASP A 126 1.27 1.56 -3.12
N THR A 127 0.51 2.00 -4.12
CA THR A 127 0.87 1.83 -5.53
C THR A 127 1.90 2.86 -6.00
N VAL A 128 2.91 3.15 -5.19
CA VAL A 128 3.92 4.14 -5.57
C VAL A 128 4.70 3.68 -6.79
N MET A 129 4.81 2.37 -7.00
CA MET A 129 5.54 1.84 -8.15
C MET A 129 4.87 2.21 -9.47
N LEU A 130 3.55 2.39 -9.46
CA LEU A 130 2.85 2.83 -10.66
C LEU A 130 3.10 4.32 -10.91
N ALA A 131 3.14 4.69 -12.19
CA ALA A 131 3.36 6.06 -12.62
C ALA A 131 4.60 6.66 -11.95
N LYS A 132 5.74 6.00 -12.18
CA LYS A 132 7.00 6.45 -11.61
C LYS A 132 8.15 6.23 -12.58
N LEU A 137 14.44 4.78 -14.32
CA LEU A 137 14.47 4.67 -12.87
C LEU A 137 14.21 3.24 -12.43
N LEU A 138 12.93 2.91 -12.27
CA LEU A 138 12.52 1.56 -11.87
C LEU A 138 12.31 0.69 -13.11
N ALA A 139 12.54 -0.61 -12.93
CA ALA A 139 12.41 -1.53 -14.05
C ALA A 139 10.94 -1.71 -14.41
N PRO A 140 10.61 -1.76 -15.70
CA PRO A 140 9.21 -2.00 -16.08
C PRO A 140 8.76 -3.43 -15.82
N ASP A 141 9.67 -4.40 -15.86
CA ASP A 141 9.31 -5.75 -15.48
C ASP A 141 8.98 -5.85 -14.00
N ALA A 142 9.47 -4.93 -13.17
CA ALA A 142 9.02 -4.88 -11.79
C ALA A 142 7.54 -4.54 -11.71
N VAL A 143 7.09 -3.55 -12.50
CA VAL A 143 5.67 -3.21 -12.55
C VAL A 143 4.86 -4.36 -13.14
N GLU A 144 5.43 -5.05 -14.14
CA GLU A 144 4.74 -6.20 -14.71
C GLU A 144 4.56 -7.31 -13.68
N ALA A 145 5.60 -7.60 -12.90
CA ALA A 145 5.49 -8.59 -11.84
C ALA A 145 4.50 -8.14 -10.76
N LEU A 146 4.47 -6.85 -10.46
CA LEU A 146 3.47 -6.34 -9.53
C LEU A 146 2.06 -6.63 -10.03
N ARG A 147 1.81 -6.37 -11.31
CA ARG A 147 0.49 -6.64 -11.89
C ARG A 147 0.17 -8.13 -11.86
N GLN A 148 1.16 -8.98 -12.17
CA GLN A 148 0.88 -10.40 -12.36
C GLN A 148 0.75 -11.14 -11.03
N ARG A 149 1.73 -10.99 -10.14
CA ARG A 149 1.84 -11.85 -8.96
C ARG A 149 1.38 -11.20 -7.67
N LEU A 150 1.58 -9.90 -7.50
CA LEU A 150 1.32 -9.28 -6.20
C LEU A 150 -0.12 -8.83 -6.04
N LEU A 151 -0.69 -8.19 -7.07
CA LEU A 151 -2.07 -7.73 -6.98
C LEU A 151 -3.07 -8.80 -6.56
N PRO A 152 -2.97 -10.06 -6.99
CA PRO A 152 -3.89 -11.07 -6.45
C PRO A 152 -3.81 -11.26 -4.94
N GLN A 153 -2.67 -10.94 -4.32
CA GLN A 153 -2.46 -11.17 -2.90
C GLN A 153 -2.75 -9.94 -2.05
N VAL A 154 -3.23 -8.84 -2.64
N VAL A 154 -3.31 -8.89 -2.64
CA VAL A 154 -3.45 -7.61 -1.89
CA VAL A 154 -3.50 -7.59 -1.98
C VAL A 154 -4.94 -7.45 -1.63
C VAL A 154 -4.98 -7.41 -1.66
N SER A 155 -5.28 -6.98 -0.43
CA SER A 155 -6.65 -6.74 -0.03
C SER A 155 -7.13 -5.34 -0.37
N LEU A 156 -6.23 -4.37 -0.50
CA LEU A 156 -6.60 -2.98 -0.71
C LEU A 156 -5.44 -2.25 -1.37
N ILE A 157 -5.74 -1.48 -2.40
CA ILE A 157 -4.78 -0.59 -3.02
C ILE A 157 -5.21 0.83 -2.74
N THR A 158 -4.24 1.73 -2.59
CA THR A 158 -4.48 3.14 -2.28
C THR A 158 -3.86 4.02 -3.36
N PRO A 159 -4.38 3.98 -4.58
CA PRO A 159 -3.75 4.74 -5.66
C PRO A 159 -4.24 6.19 -5.70
N ASN A 160 -3.33 7.08 -6.08
CA ASN A 160 -3.73 8.42 -6.44
C ASN A 160 -4.17 8.43 -7.90
N LEU A 161 -4.49 9.62 -8.42
CA LEU A 161 -5.04 9.70 -9.77
C LEU A 161 -4.06 9.21 -10.84
N PRO A 162 -2.78 9.62 -10.85
CA PRO A 162 -1.87 9.04 -11.87
C PRO A 162 -1.67 7.54 -11.71
N GLU A 163 -1.54 7.05 -10.47
CA GLU A 163 -1.35 5.63 -10.27
C GLU A 163 -2.55 4.82 -10.72
N ALA A 164 -3.77 5.28 -10.36
CA ALA A 164 -4.96 4.59 -10.81
C ALA A 164 -5.10 4.63 -12.33
N ALA A 165 -4.78 5.77 -12.93
CA ALA A 165 -4.84 5.88 -14.39
C ALA A 165 -3.87 4.91 -15.06
N ALA A 166 -2.65 4.81 -14.54
CA ALA A 166 -1.70 3.86 -15.08
C ALA A 166 -2.14 2.41 -14.85
N LEU A 167 -2.82 2.15 -13.74
CA LEU A 167 -3.28 0.80 -13.45
C LEU A 167 -4.43 0.40 -14.36
N LEU A 168 -5.26 1.35 -14.76
CA LEU A 168 -6.37 1.08 -15.67
C LEU A 168 -6.02 1.33 -17.13
N ASP A 169 -4.87 1.93 -17.42
CA ASP A 169 -4.49 2.35 -18.76
C ASP A 169 -5.57 3.25 -19.36
N ALA A 170 -5.77 4.39 -18.71
CA ALA A 170 -6.83 5.33 -19.06
C ALA A 170 -6.34 6.73 -18.74
N PRO A 171 -6.95 7.75 -19.34
CA PRO A 171 -6.59 9.12 -18.97
C PRO A 171 -6.88 9.38 -17.50
N PRO A 172 -6.07 10.21 -16.84
CA PRO A 172 -6.32 10.49 -15.42
C PRO A 172 -7.66 11.17 -15.22
N ALA A 173 -8.30 10.84 -14.11
CA ALA A 173 -9.62 11.39 -13.80
C ALA A 173 -9.50 12.85 -13.42
N ARG A 174 -10.45 13.67 -13.92
CA ARG A 174 -10.49 15.09 -13.61
C ARG A 174 -11.64 15.47 -12.68
N THR A 175 -12.67 14.66 -12.56
CA THR A 175 -13.81 14.93 -11.71
C THR A 175 -14.01 13.78 -10.72
N GLU A 176 -14.84 14.04 -9.71
CA GLU A 176 -15.22 12.98 -8.79
C GLU A 176 -16.01 11.88 -9.50
N ARG A 177 -16.81 12.27 -10.50
CA ARG A 177 -17.53 11.28 -11.30
C ARG A 177 -16.57 10.34 -11.99
N GLU A 178 -15.51 10.88 -12.61
CA GLU A 178 -14.51 10.03 -13.24
C GLU A 178 -13.72 9.23 -12.21
N MET A 179 -13.48 9.80 -11.03
CA MET A 179 -12.85 9.04 -9.96
C MET A 179 -13.67 7.81 -9.60
N ARG A 180 -14.98 7.98 -9.48
CA ARG A 180 -15.83 6.86 -9.09
C ARG A 180 -15.95 5.85 -10.22
N GLU A 181 -15.99 6.33 -11.47
CA GLU A 181 -15.97 5.41 -12.61
C GLU A 181 -14.71 4.56 -12.59
N GLN A 182 -13.56 5.19 -12.35
CA GLN A 182 -12.30 4.44 -12.33
C GLN A 182 -12.22 3.52 -11.13
N GLY A 183 -12.77 3.92 -9.98
CA GLY A 183 -12.80 3.03 -8.84
C GLY A 183 -13.65 1.80 -9.08
N ARG A 184 -14.80 1.99 -9.72
CA ARG A 184 -15.64 0.85 -10.07
C ARG A 184 -14.96 -0.04 -11.10
N ALA A 185 -14.24 0.56 -12.05
CA ALA A 185 -13.51 -0.24 -13.03
C ALA A 185 -12.39 -1.04 -12.38
N LEU A 186 -11.75 -0.46 -11.35
CA LEU A 186 -10.72 -1.19 -10.62
C LEU A 186 -11.33 -2.33 -9.82
N LEU A 187 -12.48 -2.09 -9.19
CA LEU A 187 -13.19 -3.17 -8.51
C LEU A 187 -13.51 -4.31 -9.48
N ALA A 188 -14.03 -3.96 -10.66
CA ALA A 188 -14.33 -4.98 -11.66
C ALA A 188 -13.06 -5.64 -12.18
N MET A 189 -11.93 -4.94 -12.12
CA MET A 189 -10.67 -5.53 -12.58
C MET A 189 -10.22 -6.67 -11.69
N GLY A 190 -10.65 -6.68 -10.43
CA GLY A 190 -10.32 -7.76 -9.53
C GLY A 190 -9.88 -7.35 -8.14
N GLY A 192 -10.01 -6.23 -4.44
CA GLY A 192 -10.99 -6.44 -3.39
C GLY A 192 -11.49 -5.13 -2.81
N ALA A 193 -10.61 -4.13 -2.79
CA ALA A 193 -10.98 -2.82 -2.27
C ALA A 193 -10.01 -1.79 -2.84
N VAL A 194 -10.52 -0.59 -3.10
CA VAL A 194 -9.73 0.51 -3.64
C VAL A 194 -9.99 1.75 -2.81
N LEU A 195 -8.92 2.47 -2.48
CA LEU A 195 -9.04 3.78 -1.86
C LEU A 195 -8.38 4.78 -2.81
N MET A 196 -9.20 5.42 -3.64
CA MET A 196 -8.71 6.40 -4.60
C MET A 196 -8.49 7.72 -3.87
N LYS A 197 -7.23 8.13 -3.77
CA LYS A 197 -6.87 9.38 -3.14
C LYS A 197 -7.02 10.51 -4.16
N GLY A 198 -7.93 11.44 -3.89
CA GLY A 198 -8.25 12.47 -4.85
C GLY A 198 -7.46 13.75 -4.74
N GLY A 199 -6.39 13.77 -3.94
CA GLY A 199 -5.64 15.00 -3.73
C GLY A 199 -5.17 15.66 -5.02
N HIS A 200 -4.93 14.87 -6.06
CA HIS A 200 -4.52 15.41 -7.35
C HIS A 200 -5.64 16.12 -8.10
N LEU A 201 -6.86 16.12 -7.57
CA LEU A 201 -7.95 16.82 -8.22
C LEU A 201 -7.69 18.32 -8.21
N ASP A 202 -8.02 18.98 -9.31
CA ASP A 202 -7.76 20.42 -9.43
C ASP A 202 -8.51 21.22 -8.38
N ASP A 203 -9.65 20.71 -7.91
CA ASP A 203 -10.41 21.39 -6.88
C ASP A 203 -9.77 21.17 -5.51
N ALA A 204 -9.61 22.26 -4.76
CA ALA A 204 -9.09 22.15 -3.39
C ALA A 204 -10.09 21.39 -2.52
N GLU A 205 -9.63 21.01 -1.32
CA GLU A 205 -10.39 20.16 -0.42
C GLU A 205 -10.81 18.88 -1.12
N SER A 206 -9.83 18.22 -1.72
CA SER A 206 -10.08 17.05 -2.56
C SER A 206 -10.38 15.84 -1.68
N PRO A 207 -11.44 15.09 -1.98
CA PRO A 207 -11.83 13.96 -1.13
C PRO A 207 -11.20 12.66 -1.60
N ASP A 208 -11.24 11.66 -0.73
CA ASP A 208 -10.88 10.29 -1.06
C ASP A 208 -12.16 9.47 -1.27
N TRP A 209 -12.06 8.42 -2.06
CA TRP A 209 -13.21 7.57 -2.36
C TRP A 209 -12.85 6.11 -2.13
N LEU A 210 -13.59 5.45 -1.25
CA LEU A 210 -13.42 4.04 -0.97
C LEU A 210 -14.44 3.23 -1.75
N PHE A 211 -13.97 2.20 -2.44
CA PHE A 211 -14.80 1.30 -3.23
C PHE A 211 -14.57 -0.12 -2.76
N THR A 212 -15.60 -0.75 -2.22
CA THR A 212 -15.58 -2.16 -1.84
C THR A 212 -16.84 -2.83 -2.39
N ARG A 213 -16.90 -4.15 -2.22
CA ARG A 213 -18.11 -4.88 -2.62
C ARG A 213 -19.34 -4.39 -1.87
N GLU A 214 -19.17 -3.81 -0.69
CA GLU A 214 -20.27 -3.27 0.09
C GLU A 214 -20.67 -1.87 -0.35
N GLY A 215 -19.96 -1.25 -1.30
CA GLY A 215 -20.37 0.03 -1.82
C GLY A 215 -19.26 1.06 -1.99
N GLU A 216 -19.61 2.33 -1.83
CA GLU A 216 -18.71 3.45 -2.04
C GLU A 216 -18.88 4.45 -0.91
N GLN A 217 -17.77 5.03 -0.45
CA GLN A 217 -17.82 6.01 0.63
C GLN A 217 -16.89 7.17 0.32
N ARG A 218 -17.39 8.38 0.53
CA ARG A 218 -16.61 9.60 0.35
C ARG A 218 -15.98 10.00 1.69
N PHE A 219 -14.74 10.48 1.63
CA PHE A 219 -14.02 10.91 2.82
C PHE A 219 -13.45 12.30 2.58
N THR A 220 -13.64 13.17 3.56
CA THR A 220 -13.15 14.55 3.51
C THR A 220 -11.89 14.70 4.35
N ALA A 221 -11.10 15.71 4.00
CA ALA A 221 -9.86 15.99 4.72
C ALA A 221 -9.82 17.43 5.20
N THR A 235 2.48 6.46 6.16
CA THR A 235 1.48 6.89 7.14
C THR A 235 0.11 6.29 6.86
N LEU A 236 -0.51 6.71 5.74
CA LEU A 236 -1.89 6.31 5.47
C LEU A 236 -2.00 4.80 5.26
N SER A 237 -1.15 4.23 4.41
CA SER A 237 -1.21 2.80 4.15
C SER A 237 -0.84 2.01 5.40
N ALA A 238 0.15 2.47 6.15
CA ALA A 238 0.51 1.81 7.40
C ALA A 238 -0.62 1.92 8.42
N ALA A 239 -1.27 3.08 8.49
CA ALA A 239 -2.40 3.24 9.40
C ALA A 239 -3.53 2.29 9.05
N LEU A 240 -3.84 2.17 7.75
CA LEU A 240 -4.88 1.25 7.31
C LEU A 240 -4.52 -0.19 7.68
N ALA A 241 -3.27 -0.58 7.44
CA ALA A 241 -2.85 -1.94 7.78
C ALA A 241 -2.96 -2.19 9.28
N ALA A 242 -2.53 -1.22 10.10
CA ALA A 242 -2.55 -1.42 11.53
C ALA A 242 -3.97 -1.45 12.09
N LEU A 243 -4.89 -0.69 11.48
CA LEU A 243 -6.22 -0.55 12.04
C LEU A 243 -7.23 -1.54 11.48
N ARG A 244 -6.96 -2.15 10.32
CA ARG A 244 -7.95 -3.06 9.73
C ARG A 244 -8.35 -4.22 10.63
N PRO A 245 -7.43 -4.89 11.35
CA PRO A 245 -7.88 -5.98 12.24
C PRO A 245 -8.85 -5.54 13.32
N ARG A 246 -8.83 -4.27 13.71
CA ARG A 246 -9.70 -3.77 14.79
C ARG A 246 -11.04 -3.26 14.28
N HIS A 247 -11.46 -3.68 13.09
CA HIS A 247 -12.75 -3.26 12.53
C HIS A 247 -13.34 -4.42 11.74
N ALA A 248 -14.58 -4.23 11.30
CA ALA A 248 -15.29 -5.24 10.53
C ALA A 248 -15.34 -4.93 9.04
N ASP A 249 -14.92 -3.74 8.63
CA ASP A 249 -14.93 -3.36 7.22
C ASP A 249 -13.85 -2.31 6.99
N TRP A 250 -13.63 -2.00 5.71
CA TRP A 250 -12.64 -0.99 5.35
C TRP A 250 -13.14 0.42 5.61
N ALA A 251 -14.45 0.65 5.67
CA ALA A 251 -14.97 2.01 5.80
C ALA A 251 -14.65 2.59 7.18
N ALA A 252 -14.95 1.84 8.24
CA ALA A 252 -14.60 2.27 9.59
C ALA A 252 -13.08 2.35 9.76
N THR A 253 -12.35 1.45 9.11
CA THR A 253 -10.89 1.49 9.18
C THR A 253 -10.35 2.79 8.60
N VAL A 254 -10.82 3.15 7.39
CA VAL A 254 -10.40 4.39 6.76
C VAL A 254 -10.83 5.59 7.59
N ALA A 255 -12.02 5.52 8.19
CA ALA A 255 -12.50 6.64 9.02
C ALA A 255 -11.56 6.87 10.20
N GLU A 256 -11.27 5.82 10.97
CA GLU A 256 -10.37 5.98 12.11
C GLU A 256 -8.96 6.38 11.67
N ALA A 257 -8.49 5.86 10.54
CA ALA A 257 -7.17 6.23 10.06
C ALA A 257 -7.09 7.71 9.70
N LYS A 258 -8.12 8.22 9.01
CA LYS A 258 -8.14 9.64 8.69
C LYS A 258 -8.26 10.49 9.95
N ASP A 259 -9.02 10.02 10.94
CA ASP A 259 -9.12 10.74 12.20
C ASP A 259 -7.75 10.84 12.88
N TYR A 260 -7.00 9.74 12.91
CA TYR A 260 -5.66 9.77 13.48
C TYR A 260 -4.76 10.73 12.70
N LEU A 261 -4.77 10.61 11.37
CA LEU A 261 -3.93 11.47 10.54
C LEU A 261 -4.32 12.94 10.62
N SER A 262 -5.53 13.25 11.09
CA SER A 262 -5.94 14.63 11.28
C SER A 262 -5.51 15.18 12.64
N GLY A 263 -5.88 14.50 13.71
CA GLY A 263 -5.52 14.94 15.05
C GLY A 263 -6.71 15.06 15.98
#